data_4LAX
#
_entry.id   4LAX
#
_cell.length_a   49.053
_cell.length_b   41.870
_cell.length_c   79.825
_cell.angle_alpha   90.000
_cell.angle_beta   101.550
_cell.angle_gamma   90.000
#
_symmetry.space_group_name_H-M   'P 1 21 1'
#
loop_
_entity.id
_entity.type
_entity.pdbx_description
1 polymer 'Peptidyl-prolyl cis-trans isomerase FKBP4'
2 non-polymer 8-DEETHYL-8-[BUT-3-ENYL]-ASCOMYCIN
3 non-polymer 'DIMETHYL SULFOXIDE'
4 non-polymer GLYCEROL
5 water water
#
_entity_poly.entity_id   1
_entity_poly.type   'polypeptide(L)'
_entity_poly.pdbx_seq_one_letter_code
;MSYYHHHHHHDYDIPTTENLYFQGAPLPMEGVDISPKQDEGVLKVIKREGTGTEMPMIGDRVFVHYTGWLLDGTKFDSSL
DRKDKFSFDLGKGEVIKAWDIAIATMKVGEVCHITCKPEYAYGSAGSPPKIPPNATLVFEVELFEFKGEDLTEEEDGGII
RRIQTRGEGYAKPNEGAIVEVALEGYYKDKLFDQRELRFEIGEGENLDLPYGLERAIQRMEKGEHSIVYLKPSYAFGSVG
KEKFQIPPNAELKYELHLKSFEKAKESWE
;
_entity_poly.pdbx_strand_id   A
#
loop_
_chem_comp.id
_chem_comp.type
_chem_comp.name
_chem_comp.formula
DMS non-polymer 'DIMETHYL SULFOXIDE' 'C2 H6 O S'
FK5 non-polymer 8-DEETHYL-8-[BUT-3-ENYL]-ASCOMYCIN 'C44 H69 N O12'
GOL non-polymer GLYCEROL 'C3 H8 O3'
#
# COMPACT_ATOMS: atom_id res chain seq x y z
N GLY A 31 -2.87 15.65 -22.70
CA GLY A 31 -2.50 14.91 -21.46
C GLY A 31 -1.04 15.00 -21.08
N VAL A 32 -0.79 14.90 -19.77
CA VAL A 32 0.56 14.92 -19.19
C VAL A 32 1.10 13.48 -19.20
N ASP A 33 2.37 13.31 -19.57
CA ASP A 33 3.00 11.99 -19.57
C ASP A 33 3.41 11.61 -18.17
N ILE A 34 2.83 10.53 -17.66
CA ILE A 34 3.14 10.08 -16.29
C ILE A 34 3.80 8.69 -16.22
N SER A 35 4.18 8.12 -17.35
CA SER A 35 4.96 6.87 -17.34
C SER A 35 6.37 7.14 -16.80
N PRO A 36 6.85 6.26 -15.88
CA PRO A 36 8.20 6.41 -15.34
C PRO A 36 9.31 6.39 -16.40
N LYS A 37 9.05 5.79 -17.56
CA LYS A 37 10.02 5.80 -18.66
C LYS A 37 9.85 6.99 -19.62
N GLN A 38 8.80 7.79 -19.41
CA GLN A 38 8.54 8.99 -20.21
C GLN A 38 8.53 8.69 -21.73
N ASP A 39 7.84 7.61 -22.10
CA ASP A 39 7.73 7.16 -23.49
C ASP A 39 6.30 7.39 -24.02
N GLU A 40 5.54 8.21 -23.29
CA GLU A 40 4.15 8.54 -23.61
C GLU A 40 3.21 7.33 -23.51
N GLY A 41 3.63 6.31 -22.77
CA GLY A 41 2.83 5.13 -22.56
C GLY A 41 1.55 5.40 -21.78
N VAL A 42 1.61 6.32 -20.82
CA VAL A 42 0.44 6.70 -20.02
C VAL A 42 0.27 8.22 -19.95
N LEU A 43 -0.82 8.72 -20.54
CA LEU A 43 -1.11 10.16 -20.57
C LEU A 43 -2.33 10.44 -19.73
N LYS A 44 -2.28 11.52 -18.95
CA LYS A 44 -3.35 11.83 -17.98
C LYS A 44 -3.87 13.26 -18.07
N VAL A 45 -5.20 13.41 -18.13
CA VAL A 45 -5.89 14.70 -18.10
C VAL A 45 -6.79 14.71 -16.86
N ILE A 46 -6.57 15.69 -15.98
CA ILE A 46 -7.44 15.87 -14.81
C ILE A 46 -8.71 16.61 -15.24
N LYS A 47 -9.86 16.00 -15.00
CA LYS A 47 -11.16 16.66 -15.24
C LYS A 47 -11.73 17.37 -14.00
N ARG A 48 -11.63 16.74 -12.83
CA ARG A 48 -12.00 17.37 -11.58
C ARG A 48 -10.90 17.16 -10.55
N GLU A 49 -10.49 18.25 -9.90
CA GLU A 49 -9.48 18.18 -8.87
C GLU A 49 -10.04 17.50 -7.62
N GLY A 50 -9.22 16.64 -7.02
CA GLY A 50 -9.57 16.01 -5.76
C GLY A 50 -9.25 16.89 -4.57
N THR A 51 -9.39 16.32 -3.37
CA THR A 51 -9.20 17.05 -2.12
C THR A 51 -7.98 16.56 -1.35
N GLY A 52 -7.45 17.40 -0.47
CA GLY A 52 -6.35 17.01 0.41
C GLY A 52 -5.01 16.79 -0.28
N THR A 53 -4.22 15.85 0.25
CA THR A 53 -2.79 15.79 -0.05
C THR A 53 -2.30 14.37 -0.34
N GLU A 54 -2.98 13.38 0.23
CA GLU A 54 -2.54 11.99 0.17
C GLU A 54 -2.93 11.32 -1.13
N MET A 55 -2.07 10.41 -1.57
CA MET A 55 -2.29 9.63 -2.76
C MET A 55 -2.00 8.17 -2.42
N PRO A 56 -2.78 7.23 -3.01
CA PRO A 56 -2.60 5.82 -2.66
C PRO A 56 -1.20 5.34 -3.00
N MET A 57 -0.67 4.46 -2.16
CA MET A 57 0.68 3.88 -2.33
C MET A 57 0.58 2.38 -2.51
N ILE A 58 1.66 1.75 -2.98
CA ILE A 58 1.68 0.29 -3.15
C ILE A 58 1.20 -0.42 -1.88
N GLY A 59 0.29 -1.38 -2.04
CA GLY A 59 -0.26 -2.14 -0.90
C GLY A 59 -1.62 -1.62 -0.46
N ASP A 60 -1.91 -0.36 -0.78
CA ASP A 60 -3.19 0.27 -0.40
C ASP A 60 -4.38 -0.32 -1.17
N ARG A 61 -5.52 -0.47 -0.50
CA ARG A 61 -6.75 -0.84 -1.19
C ARG A 61 -7.48 0.40 -1.69
N VAL A 62 -7.83 0.40 -2.97
CA VAL A 62 -8.37 1.58 -3.66
C VAL A 62 -9.81 1.30 -4.10
N PHE A 63 -10.70 2.31 -4.04
CA PHE A 63 -12.11 2.19 -4.43
C PHE A 63 -12.44 3.25 -5.51
N VAL A 64 -12.85 2.81 -6.70
CA VAL A 64 -13.08 3.72 -7.84
C VAL A 64 -14.39 3.40 -8.60
N HIS A 65 -14.83 4.35 -9.41
CA HIS A 65 -15.68 4.05 -10.56
C HIS A 65 -14.91 4.38 -11.84
N TYR A 66 -15.08 3.55 -12.86
CA TYR A 66 -14.40 3.77 -14.15
C TYR A 66 -15.34 3.50 -15.32
N THR A 67 -15.02 4.11 -16.46
CA THR A 67 -15.57 3.71 -17.76
C THR A 67 -14.38 3.55 -18.69
N GLY A 68 -14.45 2.58 -19.59
CA GLY A 68 -13.37 2.32 -20.54
C GLY A 68 -13.81 2.35 -21.99
N TRP A 69 -13.02 3.02 -22.81
CA TRP A 69 -13.27 3.10 -24.24
C TRP A 69 -12.05 2.66 -25.05
N LEU A 70 -12.30 2.11 -26.24
CA LEU A 70 -11.28 2.03 -27.28
C LEU A 70 -11.03 3.44 -27.81
N LEU A 71 -9.95 3.62 -28.56
CA LEU A 71 -9.55 4.92 -29.06
C LEU A 71 -10.54 5.54 -30.05
N ASP A 72 -11.17 4.70 -30.88
CA ASP A 72 -12.21 5.15 -31.80
C ASP A 72 -13.52 5.58 -31.11
N GLY A 73 -13.65 5.34 -29.81
CA GLY A 73 -14.83 5.77 -29.05
C GLY A 73 -15.78 4.67 -28.58
N THR A 74 -15.46 3.42 -28.90
CA THR A 74 -16.25 2.26 -28.48
C THR A 74 -16.17 2.02 -26.97
N LYS A 75 -17.29 2.17 -26.27
CA LYS A 75 -17.36 1.88 -24.84
C LYS A 75 -17.37 0.37 -24.60
N PHE A 76 -16.36 -0.14 -23.90
CA PHE A 76 -16.26 -1.59 -23.68
C PHE A 76 -16.68 -2.06 -22.29
N ASP A 77 -16.65 -1.15 -21.30
CA ASP A 77 -17.00 -1.48 -19.92
C ASP A 77 -17.19 -0.24 -19.06
N SER A 78 -17.98 -0.41 -17.99
CA SER A 78 -18.15 0.60 -16.95
C SER A 78 -18.62 -0.06 -15.66
N SER A 79 -18.04 0.39 -14.54
CA SER A 79 -18.45 -0.09 -13.22
C SER A 79 -19.76 0.56 -12.77
N LEU A 80 -20.10 1.70 -13.38
CA LEU A 80 -21.36 2.38 -13.09
C LEU A 80 -22.60 1.57 -13.51
N ASP A 81 -22.40 0.65 -14.46
CA ASP A 81 -23.45 -0.28 -14.90
C ASP A 81 -23.66 -1.40 -13.88
N ARG A 82 -22.69 -1.57 -12.98
CA ARG A 82 -22.76 -2.57 -11.91
C ARG A 82 -23.19 -1.96 -10.55
N LYS A 83 -23.21 -2.79 -9.51
CA LYS A 83 -23.63 -2.38 -8.16
C LYS A 83 -22.62 -1.39 -7.53
N ASP A 84 -21.66 -1.91 -6.77
CA ASP A 84 -20.70 -1.08 -6.03
C ASP A 84 -19.53 -0.58 -6.89
N LYS A 85 -18.64 0.17 -6.23
CA LYS A 85 -17.37 0.60 -6.78
C LYS A 85 -16.44 -0.57 -7.07
N PHE A 86 -15.55 -0.39 -8.04
CA PHE A 86 -14.47 -1.33 -8.30
C PHE A 86 -13.36 -1.15 -7.25
N SER A 87 -12.92 -2.26 -6.69
CA SER A 87 -11.92 -2.25 -5.61
C SER A 87 -10.74 -3.12 -5.99
N PHE A 88 -9.51 -2.65 -5.71
CA PHE A 88 -8.29 -3.46 -5.93
C PHE A 88 -7.12 -3.05 -5.01
N ASP A 89 -6.11 -3.91 -4.92
CA ASP A 89 -4.88 -3.62 -4.17
C ASP A 89 -3.81 -3.07 -5.10
N LEU A 90 -3.33 -1.87 -4.80
CA LEU A 90 -2.44 -1.13 -5.69
C LEU A 90 -1.02 -1.71 -5.73
N GLY A 91 -0.44 -1.75 -6.94
CA GLY A 91 0.96 -2.15 -7.13
C GLY A 91 1.25 -3.61 -6.86
N LYS A 92 0.21 -4.44 -6.87
CA LYS A 92 0.38 -5.87 -6.65
C LYS A 92 0.14 -6.66 -7.95
N GLY A 93 0.07 -5.96 -9.08
CA GLY A 93 -0.14 -6.59 -10.39
C GLY A 93 -1.50 -7.21 -10.65
N GLU A 94 -2.54 -6.69 -10.00
CA GLU A 94 -3.92 -7.18 -10.21
C GLU A 94 -4.56 -6.54 -11.42
N VAL A 95 -4.08 -5.35 -11.75
CA VAL A 95 -4.61 -4.55 -12.84
C VAL A 95 -3.50 -4.30 -13.88
N ILE A 96 -3.90 -3.82 -15.05
CA ILE A 96 -2.95 -3.43 -16.09
C ILE A 96 -2.00 -2.36 -15.57
N LYS A 97 -0.81 -2.30 -16.16
CA LYS A 97 0.26 -1.43 -15.68
C LYS A 97 -0.15 0.04 -15.63
N ALA A 98 -0.86 0.50 -16.67
CA ALA A 98 -1.37 1.86 -16.74
C ALA A 98 -2.14 2.30 -15.48
N TRP A 99 -2.85 1.36 -14.87
CA TRP A 99 -3.71 1.65 -13.71
C TRP A 99 -2.88 1.78 -12.45
N ASP A 100 -1.88 0.90 -12.27
CA ASP A 100 -0.97 0.99 -11.13
C ASP A 100 -0.28 2.36 -11.16
N ILE A 101 0.27 2.70 -12.34
CA ILE A 101 0.91 4.00 -12.57
C ILE A 101 -0.05 5.18 -12.34
N ALA A 102 -1.27 5.11 -12.87
CA ALA A 102 -2.17 6.27 -12.83
C ALA A 102 -2.84 6.51 -11.48
N ILE A 103 -3.36 5.44 -10.85
CA ILE A 103 -4.02 5.58 -9.55
C ILE A 103 -3.04 6.14 -8.47
N ALA A 104 -1.76 5.77 -8.56
CA ALA A 104 -0.76 6.30 -7.63
C ALA A 104 -0.61 7.82 -7.71
N THR A 105 -1.11 8.45 -8.78
CA THR A 105 -1.03 9.92 -8.90
C THR A 105 -2.32 10.64 -8.53
N MET A 106 -3.37 9.92 -8.17
CA MET A 106 -4.67 10.56 -7.93
C MET A 106 -4.94 10.91 -6.47
N LYS A 107 -5.64 12.02 -6.21
CA LYS A 107 -6.17 12.38 -4.87
C LYS A 107 -7.63 11.91 -4.73
N VAL A 108 -8.09 11.76 -3.50
CA VAL A 108 -9.49 11.38 -3.27
C VAL A 108 -10.43 12.47 -3.82
N GLY A 109 -11.45 12.07 -4.59
CA GLY A 109 -12.39 13.00 -5.18
C GLY A 109 -12.02 13.37 -6.61
N GLU A 110 -10.82 13.01 -7.03
CA GLU A 110 -10.31 13.32 -8.36
C GLU A 110 -11.00 12.49 -9.45
N VAL A 111 -11.32 13.13 -10.57
CA VAL A 111 -11.78 12.47 -11.78
C VAL A 111 -10.77 12.79 -12.87
N CYS A 112 -10.21 11.76 -13.49
CA CYS A 112 -9.26 11.94 -14.56
C CYS A 112 -9.54 11.02 -15.76
N HIS A 113 -8.94 11.35 -16.89
CA HIS A 113 -8.97 10.54 -18.09
C HIS A 113 -7.53 10.07 -18.36
N ILE A 114 -7.32 8.77 -18.52
CA ILE A 114 -5.99 8.29 -18.89
C ILE A 114 -6.01 7.61 -20.24
N THR A 115 -4.97 7.87 -21.04
CA THR A 115 -4.77 7.19 -22.31
C THR A 115 -3.61 6.21 -22.16
N CYS A 116 -3.88 4.95 -22.48
CA CYS A 116 -2.94 3.86 -22.20
C CYS A 116 -2.54 3.15 -23.49
N LYS A 117 -1.27 3.24 -23.85
CA LYS A 117 -0.68 2.48 -24.96
C LYS A 117 -0.77 0.97 -24.68
N PRO A 118 -0.76 0.14 -25.75
CA PRO A 118 -0.85 -1.31 -25.57
C PRO A 118 0.22 -1.91 -24.65
N GLU A 119 1.43 -1.34 -24.63
CA GLU A 119 2.51 -1.83 -23.76
C GLU A 119 2.13 -1.73 -22.30
N TYR A 120 1.22 -0.82 -21.99
CA TYR A 120 0.82 -0.52 -20.63
C TYR A 120 -0.59 -1.03 -20.33
N ALA A 121 -1.15 -1.77 -21.30
CA ALA A 121 -2.46 -2.41 -21.11
C ALA A 121 -2.42 -3.89 -21.49
N TYR A 122 -2.98 -4.25 -22.64
CA TYR A 122 -3.09 -5.67 -23.00
C TYR A 122 -2.17 -6.17 -24.12
N GLY A 123 -1.32 -5.29 -24.66
CA GLY A 123 -0.29 -5.68 -25.65
C GLY A 123 -0.80 -6.42 -26.86
N SER A 124 -0.02 -7.38 -27.33
CA SER A 124 -0.36 -8.24 -28.48
C SER A 124 -1.52 -9.17 -28.19
N ALA A 125 -1.53 -9.73 -26.98
CA ALA A 125 -2.55 -10.69 -26.56
C ALA A 125 -3.96 -10.13 -26.67
N GLY A 126 -4.12 -8.85 -26.38
CA GLY A 126 -5.44 -8.24 -26.29
C GLY A 126 -6.20 -8.86 -25.13
N SER A 127 -7.49 -8.58 -25.04
CA SER A 127 -8.36 -9.26 -24.07
C SER A 127 -9.71 -9.55 -24.71
N PRO A 128 -9.78 -10.63 -25.52
CA PRO A 128 -11.04 -10.96 -26.22
C PRO A 128 -12.19 -11.27 -25.24
N PRO A 129 -13.43 -10.91 -25.62
CA PRO A 129 -13.84 -10.32 -26.90
C PRO A 129 -13.78 -8.78 -26.92
N LYS A 130 -13.73 -8.17 -25.73
CA LYS A 130 -13.77 -6.71 -25.56
C LYS A 130 -12.60 -5.97 -26.20
N ILE A 131 -11.39 -6.41 -25.91
CA ILE A 131 -10.18 -5.69 -26.31
C ILE A 131 -9.44 -6.42 -27.42
N PRO A 132 -9.29 -5.77 -28.60
CA PRO A 132 -8.56 -6.34 -29.73
C PRO A 132 -7.03 -6.20 -29.56
N PRO A 133 -6.24 -6.92 -30.39
CA PRO A 133 -4.77 -6.85 -30.32
C PRO A 133 -4.19 -5.42 -30.47
N ASN A 134 -3.13 -5.12 -29.72
CA ASN A 134 -2.39 -3.85 -29.82
C ASN A 134 -3.26 -2.57 -29.74
N ALA A 135 -4.15 -2.55 -28.76
CA ALA A 135 -5.15 -1.49 -28.65
C ALA A 135 -4.78 -0.43 -27.62
N THR A 136 -4.94 0.82 -28.01
CA THR A 136 -4.83 1.96 -27.10
C THR A 136 -6.18 2.17 -26.39
N LEU A 137 -6.12 2.31 -25.07
CA LEU A 137 -7.34 2.44 -24.25
C LEU A 137 -7.49 3.81 -23.61
N VAL A 138 -8.73 4.23 -23.39
CA VAL A 138 -9.02 5.46 -22.63
C VAL A 138 -9.92 5.08 -21.45
N PHE A 139 -9.51 5.47 -20.24
CA PHE A 139 -10.32 5.25 -19.04
C PHE A 139 -10.71 6.58 -18.39
N GLU A 140 -11.98 6.71 -18.01
CA GLU A 140 -12.38 7.75 -17.06
C GLU A 140 -12.43 7.08 -15.68
N VAL A 141 -11.67 7.62 -14.72
CA VAL A 141 -11.57 7.06 -13.36
C VAL A 141 -11.90 8.12 -12.29
N GLU A 142 -12.77 7.76 -11.34
CA GLU A 142 -13.03 8.59 -10.17
C GLU A 142 -12.57 7.84 -8.92
N LEU A 143 -11.67 8.45 -8.15
CA LEU A 143 -11.18 7.87 -6.90
C LEU A 143 -12.04 8.30 -5.72
N PHE A 144 -12.67 7.34 -5.04
CA PHE A 144 -13.59 7.64 -3.94
C PHE A 144 -12.92 7.56 -2.58
N GLU A 145 -12.07 6.54 -2.41
CA GLU A 145 -11.38 6.31 -1.13
C GLU A 145 -10.24 5.31 -1.28
N PHE A 146 -9.31 5.36 -0.33
CA PHE A 146 -8.29 4.30 -0.19
C PHE A 146 -7.94 4.07 1.28
N LYS A 147 -7.46 2.88 1.58
CA LYS A 147 -7.10 2.56 2.96
C LYS A 147 -5.83 1.73 2.95
N GLY A 148 -5.15 1.68 4.09
CA GLY A 148 -3.89 0.92 4.20
C GLY A 148 -4.13 -0.58 4.14
N GLU A 149 -3.05 -1.34 3.98
CA GLU A 149 -3.13 -2.80 3.81
C GLU A 149 -3.32 -3.49 5.17
N ASP A 150 -4.31 -4.37 5.27
CA ASP A 150 -4.53 -5.16 6.50
C ASP A 150 -3.54 -6.33 6.47
N LEU A 151 -2.62 -6.35 7.44
CA LEU A 151 -1.59 -7.37 7.47
C LEU A 151 -1.92 -8.55 8.38
N THR A 152 -3.11 -8.56 9.00
CA THR A 152 -3.44 -9.63 9.93
C THR A 152 -3.88 -10.94 9.24
N GLU A 153 -3.62 -12.08 9.87
CA GLU A 153 -4.03 -13.36 9.31
C GLU A 153 -5.54 -13.52 9.27
N GLU A 154 -6.22 -12.90 10.24
CA GLU A 154 -7.67 -12.93 10.31
C GLU A 154 -8.40 -11.80 9.55
N GLU A 155 -7.65 -10.85 8.99
CA GLU A 155 -8.25 -9.75 8.24
C GLU A 155 -9.27 -9.02 9.09
N ASP A 156 -8.87 -8.65 10.30
CA ASP A 156 -9.79 -8.02 11.22
C ASP A 156 -9.44 -6.55 11.45
N GLY A 157 -8.50 -6.05 10.65
CA GLY A 157 -8.09 -4.64 10.67
C GLY A 157 -7.18 -4.27 11.82
N GLY A 158 -6.62 -5.27 12.51
CA GLY A 158 -5.83 -5.00 13.72
C GLY A 158 -4.41 -4.54 13.46
N ILE A 159 -3.90 -4.77 12.25
CA ILE A 159 -2.55 -4.30 11.87
C ILE A 159 -2.69 -3.71 10.46
N ILE A 160 -2.58 -2.38 10.37
CA ILE A 160 -2.74 -1.66 9.11
C ILE A 160 -1.42 -0.99 8.77
N ARG A 161 -0.96 -1.20 7.52
CA ARG A 161 0.25 -0.54 7.01
C ARG A 161 -0.02 0.48 5.90
N ARG A 162 0.62 1.64 6.02
CA ARG A 162 0.71 2.65 4.94
C ARG A 162 2.17 2.79 4.60
N ILE A 163 2.57 2.28 3.43
CA ILE A 163 3.96 2.42 3.00
C ILE A 163 4.18 3.91 2.63
N GLN A 164 5.31 4.47 3.06
CA GLN A 164 5.70 5.86 2.75
C GLN A 164 6.66 5.84 1.57
N THR A 165 7.68 4.99 1.67
CA THR A 165 8.62 4.77 0.57
C THR A 165 8.94 3.28 0.51
N ARG A 166 8.81 2.69 -0.68
CA ARG A 166 9.05 1.25 -0.85
C ARG A 166 10.52 0.94 -0.63
N GLY A 167 10.80 -0.24 -0.05
CA GLY A 167 12.19 -0.69 0.09
C GLY A 167 12.93 -1.00 -1.21
N GLU A 168 14.21 -1.38 -1.08
CA GLU A 168 15.06 -1.63 -2.25
C GLU A 168 15.16 -3.11 -2.64
N GLY A 169 14.91 -4.04 -1.73
CA GLY A 169 15.05 -5.46 -2.12
C GLY A 169 13.70 -6.15 -2.14
N TYR A 170 13.66 -7.38 -2.63
CA TYR A 170 12.44 -8.18 -2.55
C TYR A 170 12.35 -9.14 -1.35
N ALA A 171 13.50 -9.49 -0.77
CA ALA A 171 13.49 -10.39 0.41
C ALA A 171 12.80 -9.73 1.62
N LYS A 172 12.25 -10.57 2.50
CA LYS A 172 11.59 -10.12 3.75
C LYS A 172 12.11 -10.94 4.93
N PRO A 173 12.17 -10.32 6.13
CA PRO A 173 12.64 -11.04 7.34
C PRO A 173 11.72 -12.21 7.70
N ASN A 174 12.29 -13.33 8.12
CA ASN A 174 11.48 -14.45 8.61
C ASN A 174 11.54 -14.60 10.14
N GLU A 175 10.88 -15.61 10.68
CA GLU A 175 10.98 -15.88 12.12
C GLU A 175 12.43 -16.22 12.45
N GLY A 176 12.98 -15.54 13.46
CA GLY A 176 14.37 -15.79 13.88
C GLY A 176 15.39 -14.94 13.15
N ALA A 177 14.97 -14.14 12.16
CA ALA A 177 15.90 -13.25 11.42
C ALA A 177 16.46 -12.19 12.37
N ILE A 178 17.72 -11.83 12.20
CA ILE A 178 18.27 -10.68 12.93
C ILE A 178 18.01 -9.46 12.08
N VAL A 179 17.22 -8.51 12.60
CA VAL A 179 16.86 -7.30 11.86
C VAL A 179 17.47 -6.04 12.53
N GLU A 180 17.73 -5.03 11.70
N GLU A 180 17.74 -5.02 11.72
CA GLU A 180 18.18 -3.71 12.18
CA GLU A 180 18.17 -3.74 12.24
C GLU A 180 17.06 -2.73 11.82
C GLU A 180 17.11 -2.71 11.84
N VAL A 181 16.42 -2.15 12.83
CA VAL A 181 15.27 -1.27 12.60
C VAL A 181 15.41 0.07 13.31
N ALA A 182 14.82 1.10 12.72
CA ALA A 182 14.70 2.38 13.39
C ALA A 182 13.20 2.64 13.56
N LEU A 183 12.79 2.88 14.81
CA LEU A 183 11.35 2.99 15.12
C LEU A 183 10.99 4.19 16.01
N GLU A 184 9.80 4.74 15.76
CA GLU A 184 9.18 5.77 16.62
C GLU A 184 7.75 5.35 16.91
N GLY A 185 7.42 5.22 18.18
CA GLY A 185 6.09 4.76 18.61
C GLY A 185 5.28 5.90 19.21
N TYR A 186 4.02 6.02 18.80
CA TYR A 186 3.12 7.10 19.22
C TYR A 186 1.83 6.57 19.82
N TYR A 187 1.39 7.19 20.92
CA TYR A 187 0.10 6.89 21.50
C TYR A 187 -0.64 8.23 21.61
N LYS A 188 -1.84 8.29 21.02
CA LYS A 188 -2.56 9.57 20.83
C LYS A 188 -1.61 10.69 20.36
N ASP A 189 -0.80 10.38 19.34
CA ASP A 189 0.17 11.31 18.72
C ASP A 189 1.29 11.88 19.62
N LYS A 190 1.48 11.27 20.78
CA LYS A 190 2.58 11.59 21.67
C LYS A 190 3.65 10.48 21.56
N LEU A 191 4.90 10.87 21.30
CA LEU A 191 6.02 9.93 21.18
C LEU A 191 6.38 9.22 22.50
N PHE A 192 6.32 7.88 22.54
CA PHE A 192 6.69 7.18 23.79
C PHE A 192 7.98 6.31 23.65
N ASP A 193 8.41 6.07 22.42
CA ASP A 193 9.54 5.17 22.14
C ASP A 193 10.23 5.63 20.85
N GLN A 194 11.54 5.85 20.91
CA GLN A 194 12.33 6.16 19.72
C GLN A 194 13.68 5.48 19.85
N ARG A 195 13.92 4.45 19.05
CA ARG A 195 15.15 3.65 19.16
C ARG A 195 15.60 3.11 17.83
N GLU A 196 16.90 2.83 17.76
CA GLU A 196 17.47 2.00 16.70
C GLU A 196 17.91 0.71 17.37
N LEU A 197 17.42 -0.41 16.86
CA LEU A 197 17.55 -1.71 17.52
C LEU A 197 18.05 -2.78 16.58
N ARG A 198 18.88 -3.66 17.10
CA ARG A 198 19.22 -4.90 16.43
C ARG A 198 18.70 -6.05 17.30
N PHE A 199 17.81 -6.87 16.75
CA PHE A 199 17.21 -7.95 17.53
C PHE A 199 16.71 -9.12 16.66
N GLU A 200 16.48 -10.24 17.31
CA GLU A 200 15.96 -11.44 16.67
C GLU A 200 14.42 -11.40 16.63
N ILE A 201 13.84 -11.55 15.44
CA ILE A 201 12.38 -11.69 15.31
C ILE A 201 11.92 -12.87 16.16
N GLY A 202 10.94 -12.63 17.04
CA GLY A 202 10.54 -13.63 18.03
C GLY A 202 11.06 -13.35 19.43
N GLU A 203 11.97 -12.38 19.56
CA GLU A 203 12.49 -11.99 20.89
C GLU A 203 12.15 -10.53 21.25
N GLY A 204 11.28 -9.91 20.47
CA GLY A 204 10.98 -8.48 20.63
C GLY A 204 10.31 -8.08 21.94
N GLU A 205 9.55 -9.02 22.53
CA GLU A 205 8.85 -8.80 23.80
C GLU A 205 9.80 -8.34 24.92
N ASN A 206 11.00 -8.93 24.96
CA ASN A 206 12.02 -8.58 25.93
C ASN A 206 12.58 -7.15 25.75
N LEU A 207 12.33 -6.56 24.60
CA LEU A 207 12.80 -5.22 24.28
C LEU A 207 11.65 -4.22 24.25
N ASP A 208 10.51 -4.64 24.81
CA ASP A 208 9.31 -3.81 24.92
C ASP A 208 8.72 -3.42 23.55
N LEU A 209 8.79 -4.36 22.61
CA LEU A 209 8.14 -4.18 21.31
C LEU A 209 6.88 -5.01 21.32
N PRO A 210 5.77 -4.46 20.78
CA PRO A 210 4.55 -5.25 20.76
C PRO A 210 4.55 -6.33 19.65
N TYR A 211 3.85 -7.42 19.91
CA TYR A 211 3.84 -8.57 19.01
C TYR A 211 3.41 -8.21 17.59
N GLY A 212 2.39 -7.38 17.47
CA GLY A 212 1.92 -6.90 16.16
C GLY A 212 2.97 -6.17 15.35
N LEU A 213 3.86 -5.43 16.04
CA LEU A 213 4.97 -4.78 15.35
C LEU A 213 5.96 -5.76 14.76
N GLU A 214 6.28 -6.84 15.50
CA GLU A 214 7.20 -7.87 15.01
C GLU A 214 6.57 -8.56 13.80
N ARG A 215 5.25 -8.79 13.85
CA ARG A 215 4.54 -9.40 12.70
C ARG A 215 4.61 -8.47 11.48
N ALA A 216 4.46 -7.16 11.70
CA ALA A 216 4.55 -6.21 10.61
C ALA A 216 5.94 -6.17 9.94
N ILE A 217 6.99 -6.17 10.76
CA ILE A 217 8.37 -6.18 10.25
C ILE A 217 8.65 -7.38 9.31
N GLN A 218 8.04 -8.52 9.61
CA GLN A 218 8.16 -9.68 8.69
C GLN A 218 7.49 -9.48 7.33
N ARG A 219 6.74 -8.39 7.19
CA ARG A 219 6.14 -8.04 5.89
C ARG A 219 6.87 -6.91 5.14
N MET A 220 7.99 -6.45 5.68
CA MET A 220 8.76 -5.32 5.12
C MET A 220 9.97 -5.73 4.28
N GLU A 221 10.33 -4.91 3.29
CA GLU A 221 11.54 -5.12 2.47
C GLU A 221 12.66 -4.25 3.02
N LYS A 222 13.91 -4.65 2.79
CA LYS A 222 15.08 -3.82 3.15
C LYS A 222 14.91 -2.38 2.64
N GLY A 223 15.13 -1.42 3.52
CA GLY A 223 15.04 0.01 3.16
C GLY A 223 13.64 0.57 3.17
N GLU A 224 12.62 -0.26 3.42
CA GLU A 224 11.24 0.24 3.45
C GLU A 224 10.96 1.23 4.62
N HIS A 225 10.25 2.32 4.30
CA HIS A 225 9.79 3.29 5.28
C HIS A 225 8.25 3.20 5.36
N SER A 226 7.72 2.87 6.53
CA SER A 226 6.27 2.72 6.61
C SER A 226 5.66 3.13 7.97
N ILE A 227 4.35 3.31 7.98
CA ILE A 227 3.62 3.59 9.22
C ILE A 227 2.69 2.42 9.48
N VAL A 228 2.76 1.90 10.70
CA VAL A 228 1.96 0.74 11.12
C VAL A 228 0.99 1.14 12.24
N TYR A 229 -0.31 0.90 12.03
CA TYR A 229 -1.33 1.12 13.06
C TYR A 229 -1.75 -0.19 13.74
N LEU A 230 -1.70 -0.20 15.07
CA LEU A 230 -2.00 -1.41 15.85
C LEU A 230 -3.20 -1.21 16.78
N LYS A 231 -4.22 -2.05 16.59
CA LYS A 231 -5.30 -2.18 17.57
C LYS A 231 -4.79 -2.86 18.84
N PRO A 232 -5.47 -2.65 19.96
CA PRO A 232 -4.95 -3.14 21.26
C PRO A 232 -4.56 -4.64 21.32
N SER A 233 -5.37 -5.52 20.73
CA SER A 233 -5.07 -6.97 20.67
C SER A 233 -3.72 -7.29 20.01
N TYR A 234 -3.27 -6.40 19.15
CA TYR A 234 -2.01 -6.59 18.45
C TYR A 234 -0.91 -5.66 18.99
N ALA A 235 -1.19 -5.02 20.12
CA ALA A 235 -0.22 -4.14 20.75
C ALA A 235 0.06 -4.63 22.18
N PHE A 236 -0.21 -3.80 23.19
CA PHE A 236 0.00 -4.24 24.57
C PHE A 236 -1.29 -4.69 25.28
N GLY A 237 -2.40 -4.73 24.56
CA GLY A 237 -3.63 -5.40 25.05
C GLY A 237 -4.19 -4.83 26.34
N SER A 238 -4.73 -5.71 27.18
CA SER A 238 -5.32 -5.34 28.48
C SER A 238 -4.28 -4.96 29.55
N VAL A 239 -3.03 -5.37 29.34
CA VAL A 239 -1.94 -5.08 30.26
C VAL A 239 -1.41 -3.63 30.12
N GLY A 240 -1.22 -3.18 28.88
CA GLY A 240 -0.61 -1.87 28.64
C GLY A 240 0.91 -1.94 28.83
N LYS A 241 1.51 -0.78 29.01
CA LYS A 241 2.95 -0.71 29.24
C LYS A 241 3.23 0.54 30.06
N GLU A 242 3.29 0.30 31.37
CA GLU A 242 3.34 1.34 32.37
C GLU A 242 4.52 2.30 32.15
N LYS A 243 5.72 1.79 31.86
CA LYS A 243 6.89 2.66 31.74
C LYS A 243 6.88 3.51 30.46
N PHE A 244 6.01 3.15 29.50
CA PHE A 244 5.80 4.00 28.33
C PHE A 244 4.55 4.87 28.48
N GLN A 245 3.88 4.79 29.63
CA GLN A 245 2.64 5.55 29.90
C GLN A 245 1.50 5.15 28.93
N ILE A 246 1.46 3.87 28.62
CA ILE A 246 0.44 3.32 27.74
C ILE A 246 -0.59 2.55 28.59
N PRO A 247 -1.85 3.01 28.61
CA PRO A 247 -2.86 2.33 29.45
C PRO A 247 -3.39 1.02 28.83
N PRO A 248 -4.17 0.22 29.60
CA PRO A 248 -4.85 -0.92 28.97
C PRO A 248 -5.67 -0.50 27.74
N ASN A 249 -5.74 -1.41 26.77
N ASN A 249 -5.81 -1.40 26.78
CA ASN A 249 -6.61 -1.29 25.60
CA ASN A 249 -6.71 -1.19 25.62
C ASN A 249 -6.33 -0.07 24.72
C ASN A 249 -6.34 -0.04 24.69
N ALA A 250 -5.04 0.18 24.48
CA ALA A 250 -4.59 1.32 23.66
C ALA A 250 -4.25 0.96 22.20
N GLU A 251 -4.73 1.78 21.26
CA GLU A 251 -4.25 1.75 19.87
C GLU A 251 -2.91 2.47 19.76
N LEU A 252 -2.02 1.98 18.90
CA LEU A 252 -0.68 2.56 18.74
C LEU A 252 -0.34 2.81 17.27
N LYS A 253 0.62 3.71 17.03
CA LYS A 253 1.08 4.03 15.68
C LYS A 253 2.61 4.00 15.69
N TYR A 254 3.23 3.28 14.76
CA TYR A 254 4.70 3.24 14.67
C TYR A 254 5.14 3.72 13.28
N GLU A 255 6.13 4.60 13.26
CA GLU A 255 6.87 4.91 12.05
C GLU A 255 8.18 4.11 12.07
N LEU A 256 8.37 3.30 11.04
CA LEU A 256 9.41 2.28 11.02
C LEU A 256 10.27 2.35 9.77
N HIS A 257 11.57 2.19 9.95
CA HIS A 257 12.48 1.93 8.84
C HIS A 257 13.11 0.55 9.08
N LEU A 258 13.01 -0.35 8.09
CA LEU A 258 13.82 -1.57 8.15
C LEU A 258 15.14 -1.32 7.43
N LYS A 259 16.23 -1.23 8.19
N LYS A 259 16.23 -1.23 8.19
CA LYS A 259 17.54 -0.83 7.65
CA LYS A 259 17.53 -0.84 7.65
C LYS A 259 18.34 -1.99 7.03
C LYS A 259 18.23 -2.02 6.97
N SER A 260 18.21 -3.18 7.63
CA SER A 260 18.89 -4.38 7.12
C SER A 260 18.45 -5.62 7.91
N PHE A 261 18.73 -6.80 7.37
CA PHE A 261 18.43 -8.04 8.08
C PHE A 261 19.21 -9.20 7.51
N GLU A 262 19.46 -10.21 8.34
CA GLU A 262 19.97 -11.50 7.87
C GLU A 262 18.90 -12.52 8.18
N LYS A 263 18.43 -13.24 7.16
CA LYS A 263 17.37 -14.24 7.36
C LYS A 263 17.89 -15.40 8.21
N ALA A 264 17.03 -16.00 9.02
CA ALA A 264 17.42 -17.17 9.81
C ALA A 264 17.22 -18.45 9.00
N LYS A 265 17.82 -19.54 9.45
CA LYS A 265 17.56 -20.85 8.83
C LYS A 265 16.15 -21.36 9.17
N GLU A 266 15.48 -21.95 8.18
CA GLU A 266 14.17 -22.58 8.40
C GLU A 266 14.31 -24.09 8.27
N SER A 267 13.29 -24.83 8.70
CA SER A 267 13.30 -26.29 8.53
C SER A 267 12.92 -26.70 7.10
C1 FK5 B . -8.05 -4.56 -15.46
C2 FK5 B . -8.66 -3.27 -15.96
C3 FK5 B . -8.39 -2.07 -15.05
C4 FK5 B . -9.32 -2.04 -13.84
C5 FK5 B . -10.80 -2.20 -14.20
C6 FK5 B . -11.08 -3.38 -15.11
C8 FK5 B . -10.49 -3.41 -17.51
C9 FK5 B . -11.80 -3.58 -17.92
C10 FK5 B . -12.42 -4.95 -18.19
C11 FK5 B . -11.43 -5.94 -18.86
C12 FK5 B . -11.92 -7.40 -18.80
C13 FK5 B . -12.57 -7.77 -17.46
C14 FK5 B . -13.53 -6.67 -17.00
C15 FK5 B . -14.24 -6.84 -15.66
C16 FK5 B . -13.32 -7.46 -14.59
C17 FK5 B . -13.62 -7.12 -13.13
C18 FK5 B . -14.30 -8.32 -12.45
C19 FK5 B . -13.29 -9.36 -11.99
C20 FK5 B . -12.79 -10.37 -12.94
C21 FK5 B . -11.55 -11.19 -12.68
C22 FK5 B . -10.34 -10.47 -13.20
C23 FK5 B . -9.58 -9.56 -12.26
C24 FK5 B . -8.52 -8.72 -12.98
C25 FK5 B . -9.11 -7.47 -13.68
C26 FK5 B . -8.12 -6.72 -14.59
C27 FK5 B . -7.54 -7.65 -15.65
C28 FK5 B . -6.11 -8.03 -15.57
C29 FK5 B . -5.43 -8.88 -16.60
C30 FK5 B . -4.09 -8.24 -17.00
C31 FK5 B . -3.30 -9.11 -17.96
C32 FK5 B . -3.11 -10.55 -17.46
C33 FK5 B . -4.41 -11.19 -16.98
C34 FK5 B . -5.18 -10.28 -16.01
C35 FK5 B . -11.11 -5.55 -20.31
C36 FK5 B . -14.46 -5.86 -12.93
C37 FK5 B . -12.83 -9.36 -10.56
C38 FK5 B . -11.70 -12.57 -13.33
C39 FK5 B . -12.13 -13.58 -12.28
C40 FK5 B . -11.37 -13.74 -11.02
C41 FK5 B . -9.78 -6.54 -12.68
C42 FK5 B . -8.38 -8.17 -16.78
C43 FK5 B . -12.38 -10.11 -17.29
C44 FK5 B . -16.59 -6.83 -15.88
C45 FK5 B . -1.83 -8.09 -19.51
N7 FK5 B . -10.12 -3.37 -16.22
O1 FK5 B . -8.76 -5.56 -15.13
O2 FK5 B . -6.64 -4.58 -15.43
O3 FK5 B . -9.48 -3.23 -18.49
O4 FK5 B . -12.63 -2.44 -18.07
O5 FK5 B . -12.81 -5.46 -16.93
O6 FK5 B . -13.59 -4.79 -19.02
O7 FK5 B . -13.22 -9.01 -17.61
O8 FK5 B . -15.41 -7.60 -15.87
O9 FK5 B . -9.89 -10.62 -14.53
O10 FK5 B . -7.54 -8.37 -12.03
O11 FK5 B . -2.01 -8.55 -18.19
O12 FK5 B . -2.59 -11.33 -18.51
S DMS C . 1.98 -6.53 -21.47
O DMS C . 0.25 -6.68 -21.95
C1 DMS C . 2.92 -5.62 -22.72
C2 DMS C . 2.13 -5.41 -20.04
S DMS D . 10.98 9.03 23.97
O DMS D . 12.46 9.87 23.39
C1 DMS D . 11.29 8.31 25.60
C2 DMS D . 9.73 10.26 24.41
S DMS E . 7.62 -14.27 15.53
O DMS E . 6.91 -12.65 15.90
C1 DMS E . 7.52 -15.29 17.02
C2 DMS E . 6.54 -15.19 14.39
C1 GOL F . -1.25 10.13 26.09
O1 GOL F . -0.48 10.39 24.94
C2 GOL F . -0.50 9.22 27.07
O2 GOL F . 0.88 9.42 27.02
C3 GOL F . -1.04 9.32 28.48
O3 GOL F . -0.83 8.12 29.17
#